data_7BPH
#
_entry.id   7BPH
#
_cell.length_a   68.905
_cell.length_b   78.332
_cell.length_c   80.043
_cell.angle_alpha   90.000
_cell.angle_beta   90.000
_cell.angle_gamma   90.000
#
_symmetry.space_group_name_H-M   'P 21 21 21'
#
loop_
_entity.id
_entity.type
_entity.pdbx_description
1 polymer 'Guanine nucleotide-binding protein G(s) subunit alpha isoforms short'
2 polymer GN13
3 non-polymer 'PHOSPHOAMINOPHOSPHONIC ACID-GUANYLATE ESTER'
4 non-polymer 'MAGNESIUM ION'
5 non-polymer GLYCEROL
6 non-polymer 'CHLORIDE ION'
7 water water
#
loop_
_entity_poly.entity_id
_entity_poly.type
_entity_poly.pdbx_seq_one_letter_code
_entity_poly.pdbx_strand_id
1 'polypeptide(L)'
;AHMSKTEDQRNEEKAQREANKKIEKQLQKDKQVYRATHRLLLLGAGESGKSTIVKQMRILHVNGFNGDSEKATKVQDIKN
NLKEAIETIVAAMSNLVPPVELANPENQFRVDYILSVMNVPDFDFPPEFYEHAKALWEDEGVRACYERSNEYQLIDCAQY
FLDKIDVIKQADYVPSDQDLLRCRVLTSGIFETKFQVDKVNFHMFDVGGQRDERRKWIQCFNDVTAIIFVVASSSYNMVI
REDNQTNRLQEALNLFKSIWNNRWLRTISVILFLNKQDLLAEKVLAGKSKIEDYFPEFARYTTPEDATPEPGEDPRVTRA
KYFIRDEFLRISTASGDGRHYCYPHFTCAVDTENIRRVFNDCRDIIQRMHLRQYELL
;
A
2 'polypeptide(D)' (ACE)(DTY)FESVYAIWGTLCG(NH2) B
#
loop_
_chem_comp.id
_chem_comp.type
_chem_comp.name
_chem_comp.formula
ACE non-polymer 'ACETYL GROUP' 'C2 H4 O'
CL non-polymer 'CHLORIDE ION' 'Cl -1'
GNP non-polymer 'PHOSPHOAMINOPHOSPHONIC ACID-GUANYLATE ESTER' 'C10 H17 N6 O13 P3'
GOL non-polymer GLYCEROL 'C3 H8 O3'
MG non-polymer 'MAGNESIUM ION' 'Mg 2'
NH2 non-polymer 'AMINO GROUP' 'H2 N'
#
# COMPACT_ATOMS: atom_id res chain seq x y z
N LYS A 14 -20.02 -33.97 40.59
CA LYS A 14 -19.14 -34.79 39.77
C LYS A 14 -19.06 -34.24 38.35
N ALA A 15 -20.22 -34.17 37.68
CA ALA A 15 -20.28 -33.58 36.34
C ALA A 15 -19.96 -32.10 36.35
N GLN A 16 -19.94 -31.48 37.54
CA GLN A 16 -19.54 -30.07 37.66
C GLN A 16 -18.04 -29.90 37.45
N ARG A 17 -17.22 -30.70 38.14
CA ARG A 17 -15.78 -30.63 37.95
C ARG A 17 -15.41 -31.08 36.54
N GLU A 18 -16.23 -31.95 35.93
CA GLU A 18 -15.92 -32.49 34.60
C GLU A 18 -16.19 -31.47 33.50
N ALA A 19 -17.34 -30.77 33.55
CA ALA A 19 -17.52 -29.61 32.69
C ALA A 19 -16.43 -28.58 32.93
N ASN A 20 -15.96 -28.46 34.17
CA ASN A 20 -14.99 -27.43 34.53
C ASN A 20 -13.66 -27.64 33.82
N LYS A 21 -13.05 -28.81 33.99
CA LYS A 21 -11.74 -28.97 33.36
C LYS A 21 -11.86 -29.35 31.88
N LYS A 22 -13.09 -29.56 31.37
CA LYS A 22 -13.27 -29.48 29.93
C LYS A 22 -13.10 -28.04 29.44
N ILE A 23 -13.79 -27.08 30.10
CA ILE A 23 -13.58 -25.66 29.80
C ILE A 23 -12.10 -25.32 29.92
N GLU A 24 -11.45 -25.89 30.92
CA GLU A 24 -10.06 -25.56 31.15
C GLU A 24 -9.14 -26.20 30.10
N LYS A 25 -9.42 -27.45 29.70
CA LYS A 25 -8.70 -28.00 28.56
C LYS A 25 -8.97 -27.16 27.31
N GLN A 26 -10.19 -26.65 27.18
CA GLN A 26 -10.49 -25.76 26.06
C GLN A 26 -9.65 -24.50 26.18
N LEU A 27 -9.57 -23.94 27.40
CA LEU A 27 -8.78 -22.73 27.60
C LEU A 27 -7.31 -22.97 27.29
N GLN A 28 -6.75 -24.11 27.71
CA GLN A 28 -5.35 -24.36 27.45
C GLN A 28 -5.09 -24.49 25.96
N LYS A 29 -6.02 -25.12 25.23
CA LYS A 29 -5.85 -25.21 23.78
C LYS A 29 -5.88 -23.84 23.16
N ASP A 30 -6.80 -22.99 23.62
CA ASP A 30 -6.89 -21.63 23.10
C ASP A 30 -5.63 -20.84 23.37
N LYS A 31 -5.00 -21.07 24.52
CA LYS A 31 -3.73 -20.40 24.81
C LYS A 31 -2.62 -20.91 23.89
N GLN A 32 -2.61 -22.21 23.58
CA GLN A 32 -1.52 -22.67 22.74
C GLN A 32 -1.70 -22.20 21.29
N VAL A 33 -2.95 -22.11 20.84
CA VAL A 33 -3.21 -21.60 19.49
C VAL A 33 -2.70 -20.17 19.39
N TYR A 34 -3.05 -19.34 20.38
CA TYR A 34 -2.63 -17.95 20.40
C TYR A 34 -1.12 -17.82 20.41
N ARG A 35 -0.47 -18.55 21.30
CA ARG A 35 0.98 -18.51 21.38
C ARG A 35 1.65 -18.88 20.06
N ALA A 36 1.09 -19.83 19.31
CA ALA A 36 1.73 -20.29 18.09
C ALA A 36 1.25 -19.56 16.85
N THR A 37 0.31 -18.63 16.99
CA THR A 37 -0.21 -17.88 15.85
C THR A 37 0.67 -16.66 15.63
N HIS A 38 1.08 -16.40 14.37
CA HIS A 38 1.96 -15.27 14.06
C HIS A 38 1.08 -14.05 13.78
N ARG A 39 1.20 -13.05 14.66
CA ARG A 39 0.48 -11.79 14.54
C ARG A 39 1.38 -10.84 13.73
N LEU A 40 0.91 -10.48 12.54
CA LEU A 40 1.66 -9.67 11.59
C LEU A 40 0.95 -8.33 11.48
N LEU A 41 1.64 -7.26 11.81
CA LEU A 41 1.04 -5.95 11.78
C LEU A 41 1.50 -5.25 10.50
N LEU A 42 0.57 -4.90 9.64
CA LEU A 42 0.88 -4.17 8.41
C LEU A 42 0.88 -2.69 8.69
N LEU A 43 2.04 -2.07 8.58
CA LEU A 43 2.23 -0.65 8.80
C LEU A 43 2.82 -0.01 7.53
N GLY A 44 2.64 1.29 7.42
CA GLY A 44 3.05 2.03 6.24
C GLY A 44 2.16 3.21 6.08
N ALA A 45 2.65 4.17 5.33
CA ALA A 45 1.89 5.37 5.09
C ALA A 45 0.67 5.11 4.21
N GLY A 46 -0.18 6.14 4.13
CA GLY A 46 -1.36 6.04 3.30
C GLY A 46 -1.03 5.66 1.87
N GLU A 47 -1.79 4.68 1.32
CA GLU A 47 -1.71 4.22 -0.07
C GLU A 47 -0.41 3.47 -0.37
N SER A 48 0.30 3.04 0.66
CA SER A 48 1.54 2.31 0.37
C SER A 48 1.27 0.92 -0.20
N GLY A 49 0.14 0.29 0.12
CA GLY A 49 -0.25 -1.01 -0.42
C GLY A 49 -0.63 -2.03 0.65
N LYS A 50 -0.88 -1.60 1.90
CA LYS A 50 -1.11 -2.55 3.00
C LYS A 50 -2.35 -3.41 2.75
N SER A 51 -3.45 -2.79 2.36
CA SER A 51 -4.68 -3.57 2.19
C SER A 51 -4.60 -4.51 0.99
N THR A 52 -3.80 -4.15 0.00
CA THR A 52 -3.64 -4.99 -1.16
C THR A 52 -2.87 -6.26 -0.77
N ILE A 53 -1.89 -6.12 0.11
CA ILE A 53 -1.20 -7.31 0.63
C ILE A 53 -2.20 -8.24 1.31
N VAL A 54 -3.12 -7.69 2.09
CA VAL A 54 -4.11 -8.53 2.77
C VAL A 54 -4.98 -9.23 1.75
N LYS A 55 -5.43 -8.48 0.72
CA LYS A 55 -6.23 -9.11 -0.32
C LYS A 55 -5.50 -10.26 -0.98
N GLN A 56 -4.18 -10.11 -1.22
CA GLN A 56 -3.39 -11.20 -1.75
C GLN A 56 -3.39 -12.40 -0.80
N MET A 57 -3.29 -12.16 0.51
CA MET A 57 -3.31 -13.31 1.43
C MET A 57 -4.63 -14.05 1.33
N ARG A 58 -5.72 -13.32 1.13
CA ARG A 58 -7.02 -13.98 0.95
C ARG A 58 -7.03 -14.78 -0.35
N ILE A 59 -6.57 -14.19 -1.46
CA ILE A 59 -6.51 -14.92 -2.71
C ILE A 59 -5.68 -16.17 -2.56
N LEU A 60 -4.52 -16.07 -1.91
CA LEU A 60 -3.61 -17.19 -1.87
C LEU A 60 -4.05 -18.24 -0.86
N HIS A 61 -4.61 -17.82 0.27
CA HIS A 61 -4.70 -18.72 1.41
C HIS A 61 -6.08 -18.84 2.03
N VAL A 62 -7.05 -18.05 1.60
CA VAL A 62 -8.42 -18.27 2.04
C VAL A 62 -9.18 -18.62 0.76
N ASN A 63 -10.21 -17.85 0.44
CA ASN A 63 -10.98 -18.07 -0.76
C ASN A 63 -11.02 -16.82 -1.65
N GLY A 64 -10.04 -15.92 -1.48
CA GLY A 64 -10.04 -14.69 -2.25
C GLY A 64 -11.32 -13.91 -1.99
N PHE A 65 -11.90 -13.39 -3.07
CA PHE A 65 -13.14 -12.64 -3.02
C PHE A 65 -14.34 -13.49 -3.44
N ASN A 66 -14.21 -14.82 -3.38
CA ASN A 66 -15.21 -15.76 -3.90
C ASN A 66 -15.40 -15.58 -5.41
N LYS A 71 -17.92 -10.36 -4.84
CA LYS A 71 -17.39 -9.54 -5.94
C LYS A 71 -18.40 -8.46 -6.33
N ALA A 72 -19.67 -8.85 -6.46
CA ALA A 72 -20.71 -7.89 -6.82
C ALA A 72 -20.85 -6.79 -5.78
N THR A 73 -20.41 -7.03 -4.54
CA THR A 73 -20.39 -5.96 -3.54
C THR A 73 -19.43 -4.84 -3.96
N LYS A 74 -18.29 -5.21 -4.55
CA LYS A 74 -17.17 -4.33 -4.89
C LYS A 74 -17.34 -3.58 -6.20
N VAL A 75 -18.37 -3.90 -7.00
CA VAL A 75 -18.55 -3.24 -8.29
C VAL A 75 -18.72 -1.73 -8.09
N GLN A 76 -19.51 -1.33 -7.09
CA GLN A 76 -19.68 0.10 -6.86
C GLN A 76 -18.36 0.74 -6.49
N ASP A 77 -17.55 0.05 -5.69
CA ASP A 77 -16.25 0.62 -5.32
C ASP A 77 -15.38 0.86 -6.54
N ILE A 78 -15.38 -0.10 -7.48
CA ILE A 78 -14.61 0.07 -8.69
C ILE A 78 -15.14 1.24 -9.50
N LYS A 79 -16.45 1.34 -9.64
CA LYS A 79 -17.02 2.46 -10.38
C LYS A 79 -16.71 3.80 -9.71
N ASN A 80 -16.73 3.84 -8.37
CA ASN A 80 -16.35 5.06 -7.65
C ASN A 80 -14.88 5.41 -7.90
N ASN A 81 -14.01 4.41 -7.98
CA ASN A 81 -12.61 4.69 -8.30
C ASN A 81 -12.49 5.26 -9.69
N LEU A 82 -13.22 4.64 -10.63
CA LEU A 82 -13.22 5.09 -12.01
C LEU A 82 -13.66 6.56 -12.09
N LYS A 83 -14.74 6.88 -11.37
CA LYS A 83 -15.24 8.24 -11.35
C LYS A 83 -14.24 9.18 -10.67
N GLU A 84 -13.75 8.79 -9.50
CA GLU A 84 -12.74 9.62 -8.84
C GLU A 84 -11.55 9.89 -9.76
N ALA A 85 -11.07 8.87 -10.49
CA ALA A 85 -9.93 9.07 -11.36
C ALA A 85 -10.19 10.11 -12.44
N ILE A 86 -11.27 9.96 -13.20
CA ILE A 86 -11.42 10.87 -14.31
C ILE A 86 -11.72 12.28 -13.80
N GLU A 87 -12.55 12.40 -12.76
CA GLU A 87 -12.91 13.75 -12.28
C GLU A 87 -11.70 14.41 -11.65
N THR A 88 -10.80 13.64 -11.04
CA THR A 88 -9.58 14.25 -10.47
C THR A 88 -8.67 14.76 -11.56
N ILE A 89 -8.48 13.97 -12.61
CA ILE A 89 -7.60 14.39 -13.67
C ILE A 89 -8.19 15.62 -14.34
N VAL A 90 -9.47 15.57 -14.65
CA VAL A 90 -10.08 16.65 -15.41
C VAL A 90 -10.09 17.93 -14.58
N ALA A 91 -10.36 17.81 -13.28
CA ALA A 91 -10.38 18.99 -12.41
C ALA A 91 -8.99 19.58 -12.30
N ALA A 92 -7.96 18.75 -12.35
CA ALA A 92 -6.61 19.28 -12.20
C ALA A 92 -6.17 20.12 -13.38
N MET A 93 -6.78 19.94 -14.56
CA MET A 93 -6.25 20.55 -15.78
C MET A 93 -6.12 22.05 -15.64
N SER A 94 -7.13 22.69 -15.10
CA SER A 94 -7.08 24.14 -15.05
C SER A 94 -6.37 24.63 -13.82
N ASN A 95 -6.06 23.74 -12.87
CA ASN A 95 -5.44 24.15 -11.62
C ASN A 95 -3.95 23.96 -11.61
N LEU A 96 -3.39 23.21 -12.55
CA LEU A 96 -1.96 23.10 -12.68
C LEU A 96 -1.36 24.42 -13.16
N VAL A 97 -0.08 24.57 -12.89
CA VAL A 97 0.65 25.77 -13.30
C VAL A 97 1.89 25.27 -14.04
N PRO A 98 1.95 25.40 -15.38
CA PRO A 98 0.96 25.96 -16.30
C PRO A 98 -0.27 25.05 -16.43
N PRO A 99 -1.44 25.59 -16.76
CA PRO A 99 -2.59 24.73 -16.95
C PRO A 99 -2.42 23.85 -18.17
N VAL A 100 -3.23 22.80 -18.20
CA VAL A 100 -3.23 21.86 -19.32
C VAL A 100 -4.54 22.04 -20.05
N GLU A 101 -4.45 22.16 -21.36
CA GLU A 101 -5.62 22.33 -22.23
C GLU A 101 -5.98 21.00 -22.86
N LEU A 102 -7.29 20.87 -23.16
CA LEU A 102 -7.75 19.74 -23.94
C LEU A 102 -7.00 19.70 -25.25
N ALA A 103 -6.64 18.51 -25.70
CA ALA A 103 -6.10 18.39 -27.06
C ALA A 103 -7.19 18.65 -28.09
N ASN A 104 -8.38 18.15 -27.82
CA ASN A 104 -9.54 18.45 -28.66
C ASN A 104 -10.51 19.29 -27.86
N PRO A 105 -10.46 20.61 -28.03
CA PRO A 105 -11.37 21.51 -27.31
C PRO A 105 -12.84 21.26 -27.58
N GLU A 106 -13.20 20.45 -28.61
CA GLU A 106 -14.59 19.99 -28.68
C GLU A 106 -15.01 19.22 -27.45
N ASN A 107 -14.05 18.68 -26.68
CA ASN A 107 -14.41 17.91 -25.51
C ASN A 107 -14.78 18.75 -24.30
N GLN A 108 -14.78 20.09 -24.39
CA GLN A 108 -15.12 20.91 -23.22
C GLN A 108 -16.47 20.54 -22.62
N PHE A 109 -17.51 20.29 -23.45
CA PHE A 109 -18.80 19.95 -22.84
C PHE A 109 -18.76 18.65 -22.04
N ARG A 110 -17.82 17.76 -22.36
CA ARG A 110 -17.65 16.56 -21.55
C ARG A 110 -16.98 16.89 -20.21
N VAL A 111 -15.94 17.74 -20.25
CA VAL A 111 -15.37 18.28 -19.02
C VAL A 111 -16.47 18.87 -18.14
N ASP A 112 -17.35 19.70 -18.74
CA ASP A 112 -18.41 20.30 -17.94
C ASP A 112 -19.27 19.24 -17.28
N TYR A 113 -19.65 18.20 -18.03
CA TYR A 113 -20.50 17.18 -17.41
C TYR A 113 -19.78 16.52 -16.24
N ILE A 114 -18.56 16.07 -16.50
CA ILE A 114 -17.83 15.31 -15.48
C ILE A 114 -17.64 16.14 -14.23
N LEU A 115 -17.22 17.39 -14.38
CA LEU A 115 -17.07 18.28 -13.22
C LEU A 115 -18.40 18.55 -12.54
N SER A 116 -19.49 18.60 -13.30
CA SER A 116 -20.77 18.95 -12.69
C SER A 116 -21.30 17.88 -11.75
N VAL A 117 -20.90 16.61 -11.95
CA VAL A 117 -21.39 15.53 -11.08
C VAL A 117 -20.35 15.09 -10.05
N MET A 118 -19.26 15.84 -9.87
CA MET A 118 -18.18 15.43 -8.98
C MET A 118 -18.63 15.03 -7.58
N ASN A 119 -19.52 15.78 -6.95
CA ASN A 119 -19.73 15.50 -5.53
C ASN A 119 -21.12 14.96 -5.24
N VAL A 120 -21.79 14.38 -6.22
CA VAL A 120 -23.10 13.78 -5.98
C VAL A 120 -22.90 12.49 -5.18
N PRO A 121 -23.51 12.35 -4.01
CA PRO A 121 -23.46 11.07 -3.31
C PRO A 121 -24.34 10.06 -4.03
N ASP A 122 -23.94 8.80 -3.97
CA ASP A 122 -24.76 7.73 -4.53
C ASP A 122 -25.06 7.95 -6.03
N PHE A 123 -24.01 8.27 -6.78
CA PHE A 123 -24.13 8.56 -8.21
C PHE A 123 -24.67 7.34 -8.94
N ASP A 124 -25.55 7.56 -9.89
CA ASP A 124 -26.22 6.44 -10.55
C ASP A 124 -25.51 5.94 -11.80
N PHE A 125 -24.37 6.52 -12.15
CA PHE A 125 -23.58 6.07 -13.29
C PHE A 125 -24.36 5.85 -14.58
N PRO A 126 -24.98 6.89 -15.13
CA PRO A 126 -25.75 6.73 -16.36
C PRO A 126 -24.82 6.53 -17.55
N PRO A 127 -25.35 6.08 -18.70
CA PRO A 127 -24.49 5.81 -19.83
C PRO A 127 -23.68 7.00 -20.29
N GLU A 128 -24.19 8.24 -20.17
CA GLU A 128 -23.38 9.37 -20.63
C GLU A 128 -22.11 9.52 -19.78
N PHE A 129 -22.17 9.16 -18.50
CA PHE A 129 -20.95 9.25 -17.71
C PHE A 129 -19.82 8.44 -18.35
N TYR A 130 -20.10 7.17 -18.69
CA TYR A 130 -19.04 6.34 -19.29
C TYR A 130 -18.62 6.88 -20.64
N GLU A 131 -19.58 7.40 -21.42
CA GLU A 131 -19.24 7.97 -22.71
C GLU A 131 -18.28 9.15 -22.56
N HIS A 132 -18.61 10.07 -21.65
CA HIS A 132 -17.75 11.22 -21.47
C HIS A 132 -16.40 10.83 -20.86
N ALA A 133 -16.41 9.94 -19.86
CA ALA A 133 -15.14 9.52 -19.25
C ALA A 133 -14.21 8.94 -20.31
N LYS A 134 -14.75 8.06 -21.16
CA LYS A 134 -13.90 7.41 -22.14
C LYS A 134 -13.37 8.42 -23.15
N ALA A 135 -14.23 9.29 -23.68
CA ALA A 135 -13.74 10.27 -24.63
C ALA A 135 -12.66 11.16 -24.03
N LEU A 136 -12.85 11.57 -22.78
CA LEU A 136 -11.89 12.43 -22.14
C LEU A 136 -10.58 11.69 -21.89
N TRP A 137 -10.68 10.42 -21.51
CA TRP A 137 -9.44 9.68 -21.23
C TRP A 137 -8.62 9.48 -22.50
N GLU A 138 -9.28 9.41 -23.66
CA GLU A 138 -8.54 9.36 -24.93
C GLU A 138 -8.02 10.71 -25.40
N ASP A 139 -8.42 11.82 -24.78
CA ASP A 139 -7.90 13.10 -25.18
C ASP A 139 -6.44 13.26 -24.73
N GLU A 140 -5.56 13.60 -25.68
CA GLU A 140 -4.13 13.71 -25.35
C GLU A 140 -3.85 14.77 -24.28
N GLY A 141 -4.69 15.80 -24.18
CA GLY A 141 -4.51 16.80 -23.15
C GLY A 141 -4.82 16.25 -21.78
N VAL A 142 -5.95 15.55 -21.66
CA VAL A 142 -6.29 14.85 -20.43
C VAL A 142 -5.14 13.93 -20.07
N ARG A 143 -4.60 13.25 -21.07
CA ARG A 143 -3.50 12.32 -20.79
C ARG A 143 -2.23 13.07 -20.36
N ALA A 144 -1.98 14.26 -20.91
CA ALA A 144 -0.85 15.07 -20.47
C ALA A 144 -1.02 15.55 -19.04
N CYS A 145 -2.27 15.85 -18.65
CA CYS A 145 -2.53 16.16 -17.25
C CYS A 145 -2.31 14.92 -16.37
N TYR A 146 -2.74 13.77 -16.83
CA TYR A 146 -2.49 12.54 -16.09
C TYR A 146 -0.99 12.33 -15.85
N GLU A 147 -0.17 12.63 -16.87
CA GLU A 147 1.28 12.49 -16.74
C GLU A 147 1.90 13.49 -15.77
N ARG A 148 1.18 14.53 -15.38
CA ARG A 148 1.60 15.46 -14.34
C ARG A 148 0.94 15.16 -12.99
N SER A 149 0.44 13.94 -12.82
CA SER A 149 -0.39 13.70 -11.65
C SER A 149 0.40 13.77 -10.35
N ASN A 150 1.74 13.77 -10.39
CA ASN A 150 2.43 13.98 -9.11
C ASN A 150 2.28 15.40 -8.59
N GLU A 151 1.76 16.32 -9.41
CA GLU A 151 1.43 17.66 -8.98
C GLU A 151 0.06 17.77 -8.34
N TYR A 152 -0.69 16.68 -8.25
CA TYR A 152 -1.95 16.68 -7.51
C TYR A 152 -2.07 15.32 -6.82
N GLN A 153 -3.28 14.95 -6.41
CA GLN A 153 -3.48 13.71 -5.68
C GLN A 153 -4.36 12.78 -6.50
N LEU A 154 -3.77 11.72 -7.02
CA LEU A 154 -4.51 10.83 -7.90
C LEU A 154 -4.34 9.39 -7.44
N ILE A 155 -5.45 8.65 -7.33
CA ILE A 155 -5.33 7.24 -6.94
C ILE A 155 -4.52 6.43 -7.94
N ASP A 156 -3.79 5.44 -7.41
CA ASP A 156 -2.84 4.73 -8.26
C ASP A 156 -3.51 3.91 -9.33
N CYS A 157 -4.75 3.52 -9.13
CA CYS A 157 -5.42 2.64 -10.06
C CYS A 157 -6.05 3.40 -11.22
N ALA A 158 -5.76 4.71 -11.36
CA ALA A 158 -6.47 5.52 -12.36
C ALA A 158 -6.32 4.94 -13.76
N GLN A 159 -5.09 4.72 -14.20
CA GLN A 159 -4.89 4.22 -15.56
C GLN A 159 -5.52 2.85 -15.75
N TYR A 160 -5.40 1.97 -14.75
CA TYR A 160 -5.91 0.61 -14.89
C TYR A 160 -7.43 0.59 -15.15
N PHE A 161 -8.19 1.40 -14.39
CA PHE A 161 -9.64 1.36 -14.54
C PHE A 161 -10.07 2.20 -15.71
N LEU A 162 -9.41 3.36 -15.95
CA LEU A 162 -9.84 4.20 -17.07
C LEU A 162 -9.62 3.46 -18.39
N ASP A 163 -8.59 2.62 -18.45
CA ASP A 163 -8.37 1.77 -19.62
C ASP A 163 -9.44 0.70 -19.80
N LYS A 164 -10.28 0.41 -18.82
CA LYS A 164 -11.29 -0.59 -19.11
C LYS A 164 -12.69 -0.10 -18.84
N ILE A 165 -12.93 1.18 -19.15
CA ILE A 165 -14.29 1.71 -18.96
C ILE A 165 -15.34 0.83 -19.66
N ASP A 166 -15.02 0.42 -20.88
CA ASP A 166 -15.93 -0.39 -21.71
C ASP A 166 -16.30 -1.71 -21.05
N VAL A 167 -15.35 -2.29 -20.27
CA VAL A 167 -15.62 -3.49 -19.49
C VAL A 167 -16.51 -3.18 -18.28
N ILE A 168 -16.12 -2.17 -17.48
CA ILE A 168 -16.80 -1.89 -16.22
C ILE A 168 -18.26 -1.49 -16.44
N LYS A 169 -18.53 -0.83 -17.54
CA LYS A 169 -19.87 -0.28 -17.68
C LYS A 169 -20.90 -1.34 -18.08
N GLN A 170 -20.47 -2.54 -18.49
CA GLN A 170 -21.42 -3.58 -18.93
C GLN A 170 -22.35 -3.99 -17.78
N ALA A 171 -23.61 -4.26 -18.12
CA ALA A 171 -24.55 -4.58 -17.06
C ALA A 171 -24.19 -5.88 -16.36
N ASP A 172 -23.51 -6.78 -17.06
CA ASP A 172 -23.09 -8.08 -16.54
C ASP A 172 -21.63 -8.09 -16.10
N TYR A 173 -21.04 -6.91 -15.86
CA TYR A 173 -19.66 -6.82 -15.39
C TYR A 173 -19.49 -7.58 -14.08
N VAL A 174 -18.54 -8.51 -14.07
CA VAL A 174 -18.12 -9.16 -12.84
C VAL A 174 -16.66 -8.84 -12.64
N PRO A 175 -16.26 -8.26 -11.50
CA PRO A 175 -14.85 -7.86 -11.35
C PRO A 175 -13.92 -9.06 -11.35
N SER A 176 -12.80 -8.94 -12.06
CA SER A 176 -11.74 -9.94 -11.95
C SER A 176 -11.00 -9.79 -10.61
N ASP A 177 -10.20 -10.82 -10.26
CA ASP A 177 -9.37 -10.69 -9.05
C ASP A 177 -8.42 -9.50 -9.16
N GLN A 178 -7.81 -9.29 -10.34
CA GLN A 178 -6.97 -8.10 -10.52
C GLN A 178 -7.76 -6.80 -10.32
N ASP A 179 -8.98 -6.70 -10.88
CA ASP A 179 -9.81 -5.52 -10.59
C ASP A 179 -9.96 -5.27 -9.09
N LEU A 180 -10.27 -6.35 -8.33
CA LEU A 180 -10.44 -6.22 -6.90
C LEU A 180 -9.14 -5.84 -6.19
N LEU A 181 -8.01 -6.31 -6.70
CA LEU A 181 -6.74 -5.90 -6.11
C LEU A 181 -6.42 -4.44 -6.40
N ARG A 182 -6.81 -3.96 -7.56
CA ARG A 182 -6.52 -2.58 -7.93
C ARG A 182 -7.47 -1.58 -7.26
N CYS A 183 -8.62 -2.07 -6.82
CA CYS A 183 -9.66 -1.24 -6.22
C CYS A 183 -9.13 -0.61 -4.95
N ARG A 184 -9.22 0.72 -4.84
CA ARG A 184 -8.76 1.41 -3.63
C ARG A 184 -9.96 1.74 -2.77
N VAL A 185 -9.89 1.32 -1.53
CA VAL A 185 -10.81 1.79 -0.50
C VAL A 185 -9.98 2.29 0.66
N LEU A 186 -10.52 3.25 1.38
CA LEU A 186 -9.88 3.69 2.61
C LEU A 186 -9.98 2.58 3.67
N THR A 187 -9.01 2.54 4.52
CA THR A 187 -9.01 1.64 5.65
C THR A 187 -9.21 2.52 6.86
N SER A 188 -10.43 2.59 7.35
CA SER A 188 -10.73 3.39 8.54
C SER A 188 -10.96 2.37 9.65
N GLY A 189 -10.00 2.23 10.51
CA GLY A 189 -10.07 1.28 11.58
C GLY A 189 -9.05 0.17 11.44
N ILE A 190 -9.18 -0.81 12.32
CA ILE A 190 -8.28 -1.95 12.34
C ILE A 190 -9.06 -3.14 11.83
N PHE A 191 -8.52 -3.80 10.82
CA PHE A 191 -9.19 -4.92 10.19
C PHE A 191 -8.28 -6.13 10.32
N GLU A 192 -8.83 -7.21 10.84
CA GLU A 192 -8.05 -8.43 11.04
C GLU A 192 -8.41 -9.48 10.01
N THR A 193 -7.42 -10.22 9.57
CA THR A 193 -7.59 -11.34 8.66
C THR A 193 -6.78 -12.50 9.20
N LYS A 194 -7.42 -13.65 9.38
CA LYS A 194 -6.74 -14.85 9.83
C LYS A 194 -6.67 -15.88 8.71
N PHE A 195 -5.55 -16.57 8.61
CA PHE A 195 -5.42 -17.58 7.57
C PHE A 195 -4.34 -18.55 8.00
N GLN A 196 -4.34 -19.70 7.34
CA GLN A 196 -3.46 -20.80 7.70
C GLN A 196 -2.69 -21.21 6.45
N VAL A 197 -1.39 -21.38 6.62
CA VAL A 197 -0.50 -21.87 5.56
C VAL A 197 0.24 -23.07 6.14
N ASP A 198 -0.03 -24.26 5.59
CA ASP A 198 0.60 -25.51 6.04
C ASP A 198 0.47 -25.68 7.56
N LYS A 199 -0.76 -25.58 8.04
CA LYS A 199 -1.16 -25.68 9.44
C LYS A 199 -0.45 -24.68 10.37
N VAL A 200 0.19 -23.66 9.83
CA VAL A 200 0.71 -22.54 10.61
C VAL A 200 -0.32 -21.43 10.52
N ASN A 201 -0.69 -20.87 11.67
CA ASN A 201 -1.74 -19.86 11.74
C ASN A 201 -1.14 -18.45 11.71
N PHE A 202 -1.75 -17.58 10.89
CA PHE A 202 -1.32 -16.21 10.69
C PHE A 202 -2.49 -15.32 11.01
N HIS A 203 -2.19 -14.15 11.60
CA HIS A 203 -3.22 -13.21 12.02
C HIS A 203 -2.71 -11.85 11.58
N MET A 204 -3.28 -11.31 10.51
CA MET A 204 -2.77 -10.05 10.00
C MET A 204 -3.70 -8.94 10.43
N PHE A 205 -3.09 -7.86 10.88
CA PHE A 205 -3.77 -6.62 11.27
C PHE A 205 -3.48 -5.54 10.22
N ASP A 206 -4.54 -5.03 9.58
CA ASP A 206 -4.48 -4.00 8.57
C ASP A 206 -5.03 -2.73 9.21
N VAL A 207 -4.31 -1.64 9.06
CA VAL A 207 -4.65 -0.35 9.66
C VAL A 207 -4.49 0.71 8.58
N GLY A 208 -5.17 1.83 8.76
CA GLY A 208 -4.93 2.98 7.89
C GLY A 208 -3.56 3.60 8.13
N GLY A 209 -2.99 4.19 7.08
CA GLY A 209 -1.68 4.75 7.26
C GLY A 209 -1.64 6.27 7.08
N GLN A 210 -2.76 6.92 6.77
CA GLN A 210 -2.65 8.36 6.83
C GLN A 210 -2.42 8.82 8.27
N ARG A 211 -1.89 10.03 8.39
CA ARG A 211 -1.37 10.52 9.68
C ARG A 211 -2.36 10.36 10.82
N ASP A 212 -3.62 10.72 10.59
CA ASP A 212 -4.58 10.63 11.69
C ASP A 212 -4.84 9.20 12.12
N GLU A 213 -4.84 8.28 11.17
CA GLU A 213 -5.06 6.88 11.48
C GLU A 213 -3.89 6.29 12.30
N ARG A 214 -2.70 6.91 12.28
CA ARG A 214 -1.55 6.31 12.98
C ARG A 214 -1.72 6.36 14.49
N ARG A 215 -2.59 7.27 14.98
CA ARG A 215 -2.94 7.25 16.40
C ARG A 215 -3.58 5.93 16.84
N LYS A 216 -4.16 5.16 15.93
CA LYS A 216 -4.77 3.89 16.29
C LYS A 216 -3.74 2.77 16.42
N TRP A 217 -2.52 2.96 15.88
CA TRP A 217 -1.64 1.82 15.68
C TRP A 217 -1.28 1.15 17.01
N ILE A 218 -1.08 1.96 18.07
CA ILE A 218 -0.70 1.45 19.38
C ILE A 218 -1.65 0.34 19.85
N GLN A 219 -2.91 0.38 19.41
CA GLN A 219 -3.86 -0.64 19.82
C GLN A 219 -3.44 -2.04 19.37
N CYS A 220 -2.52 -2.12 18.41
CA CYS A 220 -2.12 -3.41 17.86
C CYS A 220 -0.73 -3.84 18.31
N PHE A 221 -0.07 -3.09 19.20
CA PHE A 221 1.34 -3.36 19.49
C PHE A 221 1.51 -4.54 20.45
N ASN A 222 0.44 -4.94 21.12
CA ASN A 222 0.53 -6.03 22.07
C ASN A 222 0.71 -7.37 21.35
N ASP A 223 1.75 -8.10 21.77
CA ASP A 223 1.95 -9.47 21.31
C ASP A 223 2.17 -9.55 19.78
N VAL A 224 2.65 -8.46 19.16
CA VAL A 224 2.97 -8.52 17.74
C VAL A 224 4.10 -9.49 17.53
N THR A 225 4.00 -10.33 16.50
CA THR A 225 5.11 -11.19 16.09
C THR A 225 6.10 -10.44 15.18
N ALA A 226 5.58 -9.79 14.14
CA ALA A 226 6.46 -9.09 13.22
C ALA A 226 5.67 -7.95 12.62
N ILE A 227 6.37 -6.93 12.16
CA ILE A 227 5.73 -5.85 11.39
C ILE A 227 6.06 -6.08 9.93
N ILE A 228 5.09 -5.88 9.07
CA ILE A 228 5.34 -5.79 7.62
C ILE A 228 5.19 -4.31 7.31
N PHE A 229 6.28 -3.65 6.95
CA PHE A 229 6.22 -2.22 6.69
C PHE A 229 6.22 -2.02 5.19
N VAL A 230 5.18 -1.38 4.66
CA VAL A 230 5.01 -1.30 3.22
C VAL A 230 5.33 0.12 2.77
N VAL A 231 6.05 0.25 1.66
CA VAL A 231 6.46 1.56 1.14
C VAL A 231 6.04 1.62 -0.30
N ALA A 232 5.44 2.76 -0.74
CA ALA A 232 5.23 3.01 -2.17
C ALA A 232 6.53 3.51 -2.78
N SER A 233 7.32 2.58 -3.31
CA SER A 233 8.65 2.96 -3.84
C SER A 233 8.54 3.94 -4.98
N SER A 234 7.43 3.89 -5.69
CA SER A 234 7.22 4.70 -6.87
C SER A 234 6.83 6.13 -6.55
N SER A 235 6.53 6.45 -5.28
CA SER A 235 5.98 7.75 -4.95
C SER A 235 7.04 8.78 -4.55
N TYR A 236 8.27 8.60 -5.02
CA TYR A 236 9.35 9.51 -4.67
C TYR A 236 9.15 10.92 -5.23
N ASN A 237 8.26 11.12 -6.21
CA ASN A 237 8.04 12.45 -6.75
C ASN A 237 6.69 13.02 -6.33
N MET A 238 6.04 12.42 -5.33
CA MET A 238 4.70 12.80 -4.96
C MET A 238 4.75 13.38 -3.54
N VAL A 239 3.66 14.04 -3.15
CA VAL A 239 3.55 14.52 -1.77
C VAL A 239 2.33 13.88 -1.13
N ILE A 240 2.32 13.85 0.20
CA ILE A 240 1.24 13.18 0.92
C ILE A 240 -0.05 14.00 0.83
N ARG A 241 -1.16 13.29 0.90
CA ARG A 241 -2.48 13.97 0.94
C ARG A 241 -2.63 14.88 2.16
N GLU A 242 -2.05 14.49 3.29
CA GLU A 242 -2.38 15.14 4.56
C GLU A 242 -2.04 16.61 4.56
N ASP A 243 -0.95 17.00 3.91
CA ASP A 243 -0.53 18.41 3.86
C ASP A 243 -0.19 18.86 2.46
N ASN A 244 -0.31 17.97 1.46
CA ASN A 244 0.01 18.30 0.07
C ASN A 244 1.34 19.04 -0.07
N GLN A 245 2.33 18.65 0.71
CA GLN A 245 3.62 19.31 0.71
C GLN A 245 4.77 18.38 1.05
N THR A 246 4.54 17.47 2.01
CA THR A 246 5.59 16.55 2.41
C THR A 246 5.80 15.43 1.38
N ASN A 247 7.03 15.26 0.93
CA ASN A 247 7.33 14.20 -0.04
C ASN A 247 6.92 12.83 0.50
N ARG A 248 6.31 11.99 -0.35
CA ARG A 248 5.77 10.70 0.13
C ARG A 248 6.85 9.75 0.57
N LEU A 249 7.97 9.66 -0.19
CA LEU A 249 9.03 8.77 0.23
C LEU A 249 9.73 9.29 1.50
N GLN A 250 9.88 10.62 1.62
CA GLN A 250 10.42 11.18 2.86
C GLN A 250 9.51 10.81 4.03
N GLU A 251 8.19 10.91 3.82
CA GLU A 251 7.24 10.55 4.87
C GLU A 251 7.40 9.10 5.24
N ALA A 252 7.54 8.21 4.22
CA ALA A 252 7.73 6.78 4.47
C ALA A 252 9.00 6.54 5.30
N LEU A 253 10.07 7.25 4.96
CA LEU A 253 11.32 7.06 5.69
C LEU A 253 11.16 7.53 7.12
N ASN A 254 10.58 8.71 7.29
CA ASN A 254 10.40 9.25 8.65
C ASN A 254 9.50 8.34 9.46
N LEU A 255 8.46 7.81 8.82
CA LEU A 255 7.58 6.89 9.50
C LEU A 255 8.31 5.60 9.86
N PHE A 256 9.10 5.04 8.94
CA PHE A 256 9.87 3.84 9.26
C PHE A 256 10.83 4.08 10.45
N LYS A 257 11.51 5.20 10.46
CA LYS A 257 12.39 5.50 11.59
C LYS A 257 11.59 5.53 12.88
N SER A 258 10.39 6.11 12.82
CA SER A 258 9.51 6.16 13.99
C SER A 258 9.18 4.76 14.50
N ILE A 259 8.86 3.83 13.61
CA ILE A 259 8.53 2.48 13.99
C ILE A 259 9.77 1.74 14.48
N TRP A 260 10.89 1.89 13.76
CA TRP A 260 12.08 1.14 14.09
C TRP A 260 12.55 1.51 15.49
N ASN A 261 12.30 2.73 15.91
CA ASN A 261 12.82 3.24 17.18
C ASN A 261 11.73 3.41 18.22
N ASN A 262 10.51 2.97 17.93
CA ASN A 262 9.42 3.21 18.85
C ASN A 262 9.64 2.41 20.14
N ARG A 263 9.29 3.05 21.27
CA ARG A 263 9.43 2.43 22.59
C ARG A 263 8.81 1.03 22.66
N TRP A 264 7.65 0.81 22.06
CA TRP A 264 6.97 -0.48 22.18
C TRP A 264 7.42 -1.50 21.14
N LEU A 265 8.19 -1.09 20.17
CA LEU A 265 8.46 -1.96 19.03
C LEU A 265 9.95 -2.29 18.86
N ARG A 266 10.72 -2.19 19.95
CA ARG A 266 12.18 -2.29 19.89
C ARG A 266 12.64 -3.71 19.75
N THR A 267 11.84 -4.65 20.23
CA THR A 267 12.07 -6.06 20.09
C THR A 267 11.51 -6.61 18.79
N ILE A 268 10.84 -5.79 17.96
CA ILE A 268 9.98 -6.34 16.91
C ILE A 268 10.66 -6.15 15.57
N SER A 269 10.90 -7.28 14.89
CA SER A 269 11.55 -7.23 13.60
C SER A 269 10.55 -6.79 12.52
N VAL A 270 11.11 -6.36 11.39
CA VAL A 270 10.33 -5.67 10.37
C VAL A 270 10.65 -6.30 9.04
N ILE A 271 9.64 -6.80 8.38
CA ILE A 271 9.77 -7.24 7.01
C ILE A 271 9.40 -6.03 6.16
N LEU A 272 10.33 -5.52 5.38
CA LEU A 272 10.14 -4.25 4.67
C LEU A 272 9.76 -4.57 3.23
N PHE A 273 8.52 -4.23 2.83
CA PHE A 273 8.06 -4.45 1.47
C PHE A 273 8.26 -3.15 0.71
N LEU A 274 9.28 -3.11 -0.15
CA LEU A 274 9.53 -1.95 -1.03
C LEU A 274 8.59 -2.18 -2.19
N ASN A 275 7.38 -1.67 -2.07
CA ASN A 275 6.29 -2.07 -2.90
C ASN A 275 6.18 -1.16 -4.13
N LYS A 276 5.19 -1.47 -4.99
CA LYS A 276 4.96 -0.71 -6.24
C LYS A 276 6.18 -0.72 -7.14
N GLN A 277 6.87 -1.86 -7.19
CA GLN A 277 8.03 -1.96 -8.10
C GLN A 277 7.63 -1.75 -9.57
N ASP A 278 6.40 -2.12 -9.93
CA ASP A 278 5.97 -1.94 -11.32
C ASP A 278 5.80 -0.46 -11.63
N LEU A 279 5.18 0.29 -10.70
CA LEU A 279 5.01 1.70 -10.91
C LEU A 279 6.34 2.42 -10.88
N LEU A 280 7.30 1.98 -10.04
CA LEU A 280 8.59 2.64 -10.02
C LEU A 280 9.29 2.43 -11.36
N ALA A 281 9.27 1.19 -11.85
CA ALA A 281 9.86 0.85 -13.16
C ALA A 281 9.27 1.73 -14.22
N GLU A 282 7.93 1.87 -14.22
CA GLU A 282 7.27 2.67 -15.22
C GLU A 282 7.69 4.12 -15.12
N LYS A 283 7.85 4.64 -13.90
CA LYS A 283 8.20 6.03 -13.76
C LYS A 283 9.64 6.26 -14.22
N VAL A 284 10.51 5.33 -13.89
CA VAL A 284 11.89 5.42 -14.38
C VAL A 284 11.93 5.33 -15.90
N LEU A 285 11.19 4.39 -16.48
CA LEU A 285 11.26 4.25 -17.94
C LEU A 285 10.66 5.45 -18.66
N ALA A 286 9.65 6.11 -18.06
CA ALA A 286 9.07 7.30 -18.65
C ALA A 286 10.14 8.39 -18.77
N GLY A 287 11.10 8.39 -17.85
CA GLY A 287 12.22 9.28 -17.93
C GLY A 287 11.97 10.73 -17.58
N LYS A 288 10.74 11.10 -17.17
CA LYS A 288 10.38 12.48 -16.91
C LYS A 288 10.80 12.90 -15.51
N SER A 289 10.53 12.07 -14.54
CA SER A 289 10.66 12.45 -13.13
C SER A 289 11.95 11.85 -12.57
N LYS A 290 12.94 12.72 -12.35
CA LYS A 290 14.26 12.27 -11.93
C LYS A 290 14.33 12.18 -10.41
N ILE A 291 14.77 11.02 -9.92
CA ILE A 291 14.85 10.79 -8.48
C ILE A 291 15.75 11.82 -7.85
N GLU A 292 16.86 12.17 -8.53
CA GLU A 292 17.79 13.09 -7.88
C GLU A 292 17.22 14.49 -7.80
N ASP A 293 16.13 14.80 -8.51
CA ASP A 293 15.45 16.08 -8.28
C ASP A 293 14.74 16.15 -6.94
N TYR A 294 14.44 15.00 -6.34
CA TYR A 294 13.78 14.93 -5.04
C TYR A 294 14.71 14.44 -3.95
N PHE A 295 15.64 13.56 -4.30
CA PHE A 295 16.62 13.01 -3.36
C PHE A 295 18.01 13.21 -3.98
N PRO A 296 18.61 14.40 -3.76
CA PRO A 296 19.83 14.75 -4.50
C PRO A 296 20.97 13.76 -4.35
N GLU A 297 21.04 13.07 -3.21
CA GLU A 297 22.10 12.09 -3.00
C GLU A 297 22.02 10.91 -3.95
N PHE A 298 20.90 10.74 -4.67
CA PHE A 298 20.83 9.67 -5.65
C PHE A 298 21.84 9.87 -6.76
N ALA A 299 22.13 11.12 -7.09
CA ALA A 299 23.13 11.45 -8.11
C ALA A 299 24.49 10.86 -7.80
N ARG A 300 24.80 10.61 -6.53
CA ARG A 300 26.06 9.98 -6.16
C ARG A 300 25.93 8.50 -5.85
N TYR A 301 24.74 7.92 -5.95
CA TYR A 301 24.53 6.54 -5.51
C TYR A 301 24.95 5.60 -6.62
N THR A 302 25.59 4.50 -6.24
CA THR A 302 25.96 3.45 -7.18
C THR A 302 25.29 2.17 -6.75
N THR A 303 24.75 1.45 -7.72
CA THR A 303 24.12 0.18 -7.43
C THR A 303 25.07 -0.75 -6.67
N PRO A 304 24.60 -1.43 -5.62
CA PRO A 304 25.49 -2.27 -4.80
C PRO A 304 26.04 -3.44 -5.59
N GLU A 305 27.23 -3.88 -5.15
CA GLU A 305 27.95 -4.94 -5.85
C GLU A 305 27.14 -6.22 -5.91
N ASP A 306 26.43 -6.53 -4.83
CA ASP A 306 25.64 -7.74 -4.72
C ASP A 306 24.16 -7.55 -5.11
N ALA A 307 23.83 -6.48 -5.84
CA ALA A 307 22.48 -6.34 -6.35
C ALA A 307 22.14 -7.51 -7.25
N THR A 308 20.87 -7.88 -7.29
CA THR A 308 20.43 -9.02 -8.08
C THR A 308 19.26 -8.61 -8.98
N PRO A 309 19.50 -7.74 -9.96
CA PRO A 309 18.42 -7.34 -10.87
C PRO A 309 17.85 -8.55 -11.60
N GLU A 310 16.55 -8.49 -11.86
CA GLU A 310 15.92 -9.49 -12.73
C GLU A 310 16.50 -9.42 -14.15
N PRO A 311 16.57 -10.54 -14.86
CA PRO A 311 17.06 -10.50 -16.24
C PRO A 311 16.33 -9.43 -17.07
N GLY A 312 17.10 -8.63 -17.79
CA GLY A 312 16.51 -7.60 -18.63
C GLY A 312 16.05 -6.33 -17.94
N GLU A 313 16.10 -6.24 -16.60
CA GLU A 313 15.68 -5.01 -15.93
C GLU A 313 16.57 -3.84 -16.34
N ASP A 314 15.97 -2.67 -16.58
CA ASP A 314 16.72 -1.50 -17.02
C ASP A 314 17.62 -1.13 -15.86
N PRO A 315 18.91 -0.95 -16.08
CA PRO A 315 19.78 -0.63 -14.93
C PRO A 315 19.38 0.65 -14.22
N ARG A 316 18.67 1.59 -14.88
CA ARG A 316 18.18 2.77 -14.16
C ARG A 316 17.20 2.36 -13.09
N VAL A 317 16.38 1.36 -13.40
CA VAL A 317 15.41 0.80 -12.44
C VAL A 317 16.14 0.12 -11.29
N THR A 318 17.13 -0.71 -11.63
CA THR A 318 17.92 -1.35 -10.58
C THR A 318 18.52 -0.31 -9.62
N ARG A 319 19.15 0.74 -10.17
CA ARG A 319 19.79 1.73 -9.32
C ARG A 319 18.74 2.43 -8.44
N ALA A 320 17.59 2.77 -9.03
CA ALA A 320 16.51 3.41 -8.27
C ALA A 320 16.04 2.52 -7.14
N LYS A 321 15.73 1.27 -7.45
CA LYS A 321 15.07 0.48 -6.41
C LYS A 321 16.05 0.15 -5.29
N TYR A 322 17.34 0.01 -5.61
CA TYR A 322 18.29 -0.26 -4.55
C TYR A 322 18.59 0.99 -3.74
N PHE A 323 18.59 2.16 -4.37
CA PHE A 323 18.77 3.39 -3.61
C PHE A 323 17.68 3.50 -2.57
N ILE A 324 16.45 3.23 -2.99
CA ILE A 324 15.32 3.38 -2.05
C ILE A 324 15.45 2.35 -0.93
N ARG A 325 15.79 1.10 -1.26
CA ARG A 325 16.05 0.09 -0.22
C ARG A 325 17.08 0.59 0.75
N ASP A 326 18.18 1.13 0.24
CA ASP A 326 19.28 1.52 1.13
C ASP A 326 18.96 2.73 1.98
N GLU A 327 18.10 3.66 1.52
CA GLU A 327 17.62 4.72 2.42
C GLU A 327 16.93 4.12 3.66
N PHE A 328 16.18 3.02 3.50
CA PHE A 328 15.56 2.40 4.68
C PHE A 328 16.59 1.63 5.49
N LEU A 329 17.51 0.97 4.82
CA LEU A 329 18.47 0.15 5.57
C LEU A 329 19.41 1.06 6.34
N ARG A 330 19.66 2.28 5.85
CA ARG A 330 20.48 3.20 6.64
C ARG A 330 19.83 3.49 8.00
N ILE A 331 18.51 3.52 8.04
CA ILE A 331 17.80 3.72 9.29
C ILE A 331 17.88 2.46 10.16
N SER A 332 17.60 1.32 9.57
CA SER A 332 17.49 0.10 10.36
C SER A 332 18.87 -0.40 10.80
N THR A 333 19.92 -0.07 10.08
CA THR A 333 21.22 -0.53 10.58
C THR A 333 21.77 0.36 11.69
N ALA A 334 21.15 1.52 11.92
CA ALA A 334 21.70 2.49 12.85
C ALA A 334 21.41 2.16 14.31
N SER A 335 20.50 1.21 14.57
CA SER A 335 20.08 0.87 15.92
C SER A 335 19.47 -0.53 15.92
N GLY A 336 19.46 -1.14 17.11
CA GLY A 336 18.78 -2.42 17.31
C GLY A 336 19.57 -3.67 16.97
N ASP A 337 20.90 -3.60 16.85
CA ASP A 337 21.67 -4.59 16.10
C ASP A 337 21.34 -6.04 16.50
N GLY A 338 21.30 -6.33 17.78
CA GLY A 338 21.05 -7.73 18.10
C GLY A 338 19.60 -8.07 18.37
N ARG A 339 18.76 -7.04 18.54
CA ARG A 339 17.43 -7.20 19.15
C ARG A 339 16.30 -7.27 18.14
N HIS A 340 16.53 -6.77 16.93
CA HIS A 340 15.53 -6.95 15.89
C HIS A 340 16.18 -6.60 14.57
N TYR A 341 15.59 -7.11 13.52
CA TYR A 341 16.24 -7.08 12.22
C TYR A 341 15.23 -6.59 11.22
N CYS A 342 15.75 -6.13 10.10
CA CYS A 342 14.88 -5.66 9.04
C CYS A 342 15.16 -6.52 7.81
N TYR A 343 14.13 -7.13 7.26
CA TYR A 343 14.27 -7.98 6.08
C TYR A 343 13.62 -7.31 4.86
N PRO A 344 14.40 -6.77 3.91
CA PRO A 344 13.80 -6.08 2.76
C PRO A 344 13.45 -7.04 1.64
N HIS A 345 12.33 -6.72 0.98
CA HIS A 345 11.86 -7.45 -0.19
C HIS A 345 11.34 -6.44 -1.19
N PHE A 346 11.63 -6.66 -2.48
CA PHE A 346 11.01 -5.85 -3.52
C PHE A 346 9.67 -6.48 -3.89
N THR A 347 8.60 -5.67 -3.90
CA THR A 347 7.29 -6.28 -4.07
C THR A 347 6.47 -5.52 -5.08
N CYS A 348 5.48 -6.22 -5.59
CA CYS A 348 4.43 -5.64 -6.46
C CYS A 348 3.15 -6.25 -5.89
N ALA A 349 2.43 -5.49 -5.07
CA ALA A 349 1.36 -6.07 -4.27
C ALA A 349 0.19 -6.50 -5.12
N VAL A 350 0.04 -5.94 -6.32
CA VAL A 350 -1.05 -6.39 -7.17
C VAL A 350 -0.67 -7.62 -7.97
N ASP A 351 0.58 -8.11 -7.87
CA ASP A 351 1.02 -9.28 -8.62
C ASP A 351 0.92 -10.50 -7.71
N THR A 352 -0.09 -11.33 -7.93
CA THR A 352 -0.32 -12.41 -6.97
C THR A 352 0.88 -13.36 -6.91
N GLU A 353 1.49 -13.66 -8.05
CA GLU A 353 2.63 -14.58 -8.01
C GLU A 353 3.84 -13.96 -7.29
N ASN A 354 4.07 -12.65 -7.44
CA ASN A 354 5.13 -12.03 -6.67
C ASN A 354 4.87 -12.14 -5.17
N ILE A 355 3.65 -11.81 -4.74
CA ILE A 355 3.40 -11.83 -3.30
C ILE A 355 3.43 -13.27 -2.77
N ARG A 356 3.01 -14.24 -3.58
CA ARG A 356 3.13 -15.64 -3.18
C ARG A 356 4.58 -15.97 -2.86
N ARG A 357 5.47 -15.65 -3.79
CA ARG A 357 6.89 -15.93 -3.60
C ARG A 357 7.45 -15.16 -2.43
N VAL A 358 7.12 -13.86 -2.33
CA VAL A 358 7.68 -13.07 -1.24
C VAL A 358 7.21 -13.62 0.09
N PHE A 359 5.92 -13.91 0.21
CA PHE A 359 5.41 -14.36 1.50
C PHE A 359 6.00 -15.70 1.86
N ASN A 360 6.12 -16.61 0.88
CA ASN A 360 6.77 -17.89 1.17
C ASN A 360 8.19 -17.69 1.70
N ASP A 361 8.94 -16.73 1.15
CA ASP A 361 10.28 -16.44 1.64
C ASP A 361 10.30 -15.76 3.01
N CYS A 362 9.16 -15.31 3.53
CA CYS A 362 9.08 -14.79 4.88
C CYS A 362 8.70 -15.83 5.92
N ARG A 363 8.19 -17.00 5.52
CA ARG A 363 7.57 -17.88 6.51
C ARG A 363 8.60 -18.42 7.49
N ASP A 364 9.80 -18.75 7.00
CA ASP A 364 10.86 -19.25 7.87
C ASP A 364 11.34 -18.18 8.84
N ILE A 365 11.62 -16.98 8.33
CA ILE A 365 12.09 -15.92 9.23
C ILE A 365 11.01 -15.57 10.24
N ILE A 366 9.73 -15.60 9.85
CA ILE A 366 8.67 -15.29 10.81
C ILE A 366 8.61 -16.33 11.92
N GLN A 367 8.73 -17.61 11.57
CA GLN A 367 8.77 -18.66 12.59
C GLN A 367 9.94 -18.44 13.55
N ARG A 368 11.09 -18.02 13.01
CA ARG A 368 12.25 -17.77 13.86
C ARG A 368 12.02 -16.56 14.77
N MET A 369 11.43 -15.49 14.24
CA MET A 369 11.08 -14.34 15.08
C MET A 369 10.21 -14.76 16.25
N HIS A 370 9.19 -15.59 15.99
CA HIS A 370 8.28 -15.98 17.07
C HIS A 370 8.99 -16.86 18.09
N LEU A 371 9.88 -17.76 17.64
CA LEU A 371 10.59 -18.61 18.59
C LEU A 371 11.47 -17.79 19.52
N ARG A 372 12.25 -16.85 18.96
CA ARG A 372 13.04 -15.95 19.78
C ARG A 372 12.17 -15.19 20.78
N GLN A 373 10.96 -14.82 20.37
CA GLN A 373 10.08 -14.13 21.31
C GLN A 373 9.75 -15.00 22.53
N TYR A 374 9.67 -16.33 22.36
CA TYR A 374 9.38 -17.22 23.49
C TYR A 374 10.52 -17.20 24.51
N GLU A 375 11.77 -17.15 24.05
CA GLU A 375 12.90 -17.15 24.97
C GLU A 375 13.01 -15.83 25.73
N LEU A 376 12.54 -14.74 25.13
CA LEU A 376 12.50 -13.45 25.77
C LEU A 376 11.34 -13.30 26.76
N LEU A 377 10.35 -14.19 26.71
CA LEU A 377 9.22 -14.11 27.64
C LEU A 377 9.30 -15.19 28.72
C ACE B 1 5.81 16.65 13.42
O ACE B 1 5.74 15.71 14.24
CH3 ACE B 1 5.55 16.39 11.94
N DTY B 2 6.11 17.92 13.81
CA DTY B 2 6.35 18.18 15.24
C DTY B 2 7.78 17.78 15.58
O DTY B 2 8.72 18.47 15.22
CB DTY B 2 6.15 19.67 15.60
CG DTY B 2 6.08 19.93 17.11
CD1 DTY B 2 5.00 19.49 17.85
CD2 DTY B 2 7.12 20.62 17.79
CE1 DTY B 2 4.91 19.72 19.22
CE2 DTY B 2 7.03 20.86 19.17
CZ DTY B 2 5.92 20.40 19.88
OH DTY B 2 5.75 20.59 21.25
N PHE B 3 7.95 16.66 16.28
CA PHE B 3 9.28 16.21 16.67
C PHE B 3 9.27 14.68 16.66
N GLU B 4 10.45 14.09 16.71
CA GLU B 4 10.61 12.64 16.75
C GLU B 4 10.45 12.17 18.18
N SER B 5 9.41 11.39 18.40
CA SER B 5 8.99 10.87 19.69
C SER B 5 9.18 9.36 19.62
N VAL B 6 9.64 8.73 20.71
CA VAL B 6 9.58 7.27 20.74
C VAL B 6 8.26 6.78 21.28
N TYR B 7 7.31 7.68 21.58
CA TYR B 7 5.95 7.31 22.02
C TYR B 7 4.89 7.54 20.96
N ALA B 8 4.94 8.69 20.29
CA ALA B 8 4.00 9.00 19.23
C ALA B 8 4.55 8.52 17.90
N ILE B 9 3.67 8.04 17.04
CA ILE B 9 4.09 7.63 15.70
C ILE B 9 4.37 8.90 14.92
N TRP B 10 5.43 8.89 14.07
CA TRP B 10 5.64 10.03 13.17
C TRP B 10 4.36 10.35 12.41
N GLY B 11 4.03 11.64 12.37
CA GLY B 11 2.86 12.15 11.70
C GLY B 11 1.74 12.53 12.65
N THR B 12 1.74 11.96 13.86
CA THR B 12 0.68 12.29 14.80
C THR B 12 0.93 13.58 15.58
N LEU B 13 2.14 14.16 15.54
CA LEU B 13 2.42 15.42 16.26
C LEU B 13 2.56 16.60 15.33
N CYS B 14 2.18 16.43 14.05
CA CYS B 14 2.46 17.38 12.99
C CYS B 14 1.41 18.48 12.90
N GLY B 15 0.15 18.12 13.11
CA GLY B 15 -0.97 19.02 12.88
C GLY B 15 -0.82 20.39 13.51
N NH2 B 16 -1.12 20.49 14.80
PG GNP C . -4.41 3.16 3.52
O1G GNP C . -5.29 2.12 4.07
O2G GNP C . -3.30 3.40 4.47
O3G GNP C . -5.12 4.47 3.28
N3B GNP C . -3.81 2.69 1.95
PB GNP C . -3.05 1.21 1.83
O1B GNP C . -3.91 0.11 2.36
O2B GNP C . -1.66 1.18 2.31
O3A GNP C . -2.98 1.06 0.22
PA GNP C . -3.88 0.08 -0.72
O1A GNP C . -5.29 0.46 -0.58
O2A GNP C . -3.55 -1.30 -0.43
O5' GNP C . -3.35 0.49 -2.19
C5' GNP C . -3.55 1.77 -2.70
C4' GNP C . -3.69 1.66 -4.19
O4' GNP C . -2.39 1.24 -4.76
C3' GNP C . -4.68 0.60 -4.62
O3' GNP C . -5.36 1.08 -5.81
C2' GNP C . -3.80 -0.57 -4.91
O2' GNP C . -4.30 -1.42 -5.92
C1' GNP C . -2.57 0.03 -5.54
N9 GNP C . -1.39 -0.75 -5.34
C8 GNP C . -0.96 -1.16 -4.17
N7 GNP C . 0.24 -1.80 -4.28
C5 GNP C . 0.51 -1.74 -5.71
C6 GNP C . 1.59 -2.15 -6.51
O6 GNP C . 2.64 -2.82 -6.11
N1 GNP C . 1.55 -1.88 -7.84
C2 GNP C . 0.43 -1.15 -8.34
N2 GNP C . 0.40 -0.93 -9.73
N3 GNP C . -0.69 -0.70 -7.64
C4 GNP C . -0.52 -1.00 -6.32
MG MG D . -5.64 0.18 3.54
C1 GOL E . -16.37 8.54 -6.44
O1 GOL E . -15.50 8.06 -5.42
C2 GOL E . -17.08 9.77 -5.81
O2 GOL E . -16.54 10.19 -4.58
C3 GOL E . -16.91 10.83 -6.88
O3 GOL E . -17.50 12.00 -6.30
CL CL F . 4.58 5.18 1.18
#